data_7NCU
#
_entry.id   7NCU
#
_cell.length_a   126.260
_cell.length_b   126.260
_cell.length_c   64.890
_cell.angle_alpha   90.000
_cell.angle_beta   90.000
_cell.angle_gamma   120.000
#
_symmetry.space_group_name_H-M   'P 65'
#
loop_
_entity.id
_entity.type
_entity.pdbx_description
1 polymer 'Glutathione S-transferase GliG'
2 non-polymer 'OXIDIZED GLUTATHIONE DISULFIDE'
3 non-polymer 1,2-ETHANEDIOL
4 water water
#
_entity_poly.entity_id   1
_entity_poly.type   'polypeptide(L)'
_entity_poly.pdbx_seq_one_letter_code
;MSGSHHHHHHSGSMSERPSDLVVNRLVLFVVKGTATSTHNTVKPLILLEELGVPHDIYVVEKVSAPWFSEINPHKMVPAI
LDRSPDGRDTLRAWESTSTLMYIADAYDKDGTFGGRNVQERSEINNWLTLHTAALGPTAGYWLYFYKLHPEKLPKTIEKL
RSNITVQYDILERRLNEPGQQYLALKDRPTIADIATLPFAMKSTAELFGLEFEKWPKLQEWSVRMGEREAVKRAWQRVAG
FGHGEKEYGMLEA
;
_entity_poly.pdbx_strand_id   A,B
#
# COMPACT_ATOMS: atom_id res chain seq x y z
N SER A 15 -1.96 2.29 29.09
CA SER A 15 -0.82 1.59 28.42
C SER A 15 -0.74 0.13 28.88
N GLU A 16 -1.15 -0.15 30.12
CA GLU A 16 -1.42 -1.53 30.62
C GLU A 16 -2.43 -2.18 29.67
N ARG A 17 -2.14 -3.39 29.20
CA ARG A 17 -3.09 -4.15 28.34
C ARG A 17 -4.19 -4.72 29.22
N PRO A 18 -5.40 -4.95 28.66
CA PRO A 18 -6.46 -5.65 29.38
C PRO A 18 -5.93 -7.02 29.83
N SER A 19 -6.45 -7.51 30.96
CA SER A 19 -6.02 -8.77 31.61
C SER A 19 -6.20 -9.98 30.67
N ASP A 20 -7.17 -9.92 29.75
CA ASP A 20 -7.48 -11.06 28.84
C ASP A 20 -6.61 -11.03 27.57
N LEU A 21 -5.76 -10.01 27.37
CA LEU A 21 -4.91 -9.93 26.15
C LEU A 21 -3.59 -10.68 26.43
N VAL A 22 -3.57 -11.96 26.06
N VAL A 22 -3.57 -11.96 26.04
CA VAL A 22 -2.37 -12.83 26.09
CA VAL A 22 -2.37 -12.84 26.09
C VAL A 22 -2.11 -13.29 24.66
C VAL A 22 -2.10 -13.33 24.67
N VAL A 23 -0.84 -13.43 24.28
CA VAL A 23 -0.44 -13.77 22.91
C VAL A 23 0.19 -15.16 22.92
N ASN A 24 -0.63 -16.21 22.85
CA ASN A 24 -0.19 -17.64 22.82
C ASN A 24 -0.11 -18.12 21.36
N ARG A 25 -0.65 -17.33 20.45
CA ARG A 25 -0.77 -17.58 18.99
C ARG A 25 -1.15 -16.26 18.33
N LEU A 26 -1.39 -16.26 17.02
CA LEU A 26 -1.78 -15.03 16.31
C LEU A 26 -3.10 -14.51 16.90
N VAL A 27 -3.12 -13.22 17.23
CA VAL A 27 -4.33 -12.50 17.72
C VAL A 27 -4.71 -11.46 16.66
N LEU A 28 -5.91 -11.57 16.10
CA LEU A 28 -6.43 -10.57 15.15
C LEU A 28 -7.39 -9.65 15.92
N PHE A 29 -7.08 -8.36 15.92
CA PHE A 29 -7.89 -7.29 16.52
C PHE A 29 -8.94 -6.82 15.51
N VAL A 30 -10.20 -6.83 15.96
CA VAL A 30 -11.38 -6.40 15.15
C VAL A 30 -12.22 -5.46 16.01
N VAL A 31 -13.34 -4.95 15.45
CA VAL A 31 -14.35 -4.25 16.28
C VAL A 31 -15.68 -5.01 16.10
N LYS A 32 -16.70 -4.64 16.87
CA LYS A 32 -18.02 -5.29 16.75
C LYS A 32 -18.47 -5.23 15.29
N GLY A 33 -18.98 -6.34 14.77
CA GLY A 33 -19.41 -6.41 13.37
C GLY A 33 -20.60 -5.48 13.10
N THR A 34 -20.51 -4.66 12.05
CA THR A 34 -21.63 -3.91 11.43
C THR A 34 -21.57 -4.07 9.91
N ALA A 35 -22.58 -3.58 9.19
CA ALA A 35 -22.60 -3.59 7.72
C ALA A 35 -21.40 -2.83 7.13
N THR A 36 -20.78 -1.92 7.89
CA THR A 36 -19.63 -1.08 7.42
C THR A 36 -18.35 -1.28 8.25
N SER A 37 -18.33 -2.15 9.26
CA SER A 37 -17.14 -2.22 10.16
C SER A 37 -16.17 -3.31 9.68
N THR A 38 -16.47 -4.04 8.61
CA THR A 38 -15.78 -5.32 8.32
C THR A 38 -15.03 -5.36 6.99
N HIS A 39 -15.06 -4.32 6.15
CA HIS A 39 -14.46 -4.41 4.80
C HIS A 39 -12.93 -4.54 4.89
N ASN A 40 -12.29 -4.05 5.95
CA ASN A 40 -10.81 -4.17 6.10
C ASN A 40 -10.45 -5.36 7.00
N THR A 41 -11.18 -5.59 8.10
CA THR A 41 -10.86 -6.70 9.04
C THR A 41 -11.07 -8.05 8.35
N VAL A 42 -11.99 -8.16 7.40
CA VAL A 42 -12.28 -9.47 6.74
C VAL A 42 -11.04 -9.91 5.95
N LYS A 43 -10.17 -8.98 5.53
CA LYS A 43 -9.06 -9.28 4.58
C LYS A 43 -8.09 -10.27 5.24
N PRO A 44 -7.46 -9.96 6.40
CA PRO A 44 -6.59 -10.96 7.02
C PRO A 44 -7.37 -12.21 7.39
N LEU A 45 -8.64 -12.08 7.79
CA LEU A 45 -9.44 -13.25 8.24
C LEU A 45 -9.58 -14.24 7.07
N ILE A 46 -9.83 -13.75 5.86
CA ILE A 46 -9.91 -14.61 4.64
C ILE A 46 -8.62 -15.42 4.54
N LEU A 47 -7.47 -14.77 4.66
CA LEU A 47 -6.17 -15.46 4.48
C LEU A 47 -5.94 -16.46 5.61
N LEU A 48 -6.27 -16.10 6.86
CA LEU A 48 -6.19 -17.05 8.00
C LEU A 48 -7.06 -18.29 7.70
N GLU A 49 -8.27 -18.09 7.18
CA GLU A 49 -9.20 -19.21 6.88
C GLU A 49 -8.64 -20.05 5.72
N GLU A 50 -8.06 -19.42 4.69
CA GLU A 50 -7.49 -20.11 3.51
C GLU A 50 -6.36 -21.04 3.98
N LEU A 51 -5.50 -20.57 4.89
CA LEU A 51 -4.25 -21.28 5.27
C LEU A 51 -4.47 -22.19 6.48
N GLY A 52 -5.60 -22.08 7.17
CA GLY A 52 -5.89 -22.83 8.40
C GLY A 52 -4.97 -22.40 9.55
N VAL A 53 -4.61 -21.13 9.61
CA VAL A 53 -3.70 -20.57 10.67
C VAL A 53 -4.47 -20.61 11.99
N PRO A 54 -3.91 -21.22 13.07
CA PRO A 54 -4.52 -21.11 14.39
C PRO A 54 -4.48 -19.64 14.84
N HIS A 55 -5.58 -19.11 15.35
CA HIS A 55 -5.66 -17.68 15.71
C HIS A 55 -6.75 -17.44 16.74
N ASP A 56 -6.57 -16.34 17.46
CA ASP A 56 -7.56 -15.76 18.39
C ASP A 56 -8.15 -14.50 17.76
N ILE A 57 -9.31 -14.11 18.25
CA ILE A 57 -10.01 -12.85 17.86
C ILE A 57 -10.14 -12.01 19.12
N TYR A 58 -9.72 -10.75 19.03
CA TYR A 58 -9.84 -9.76 20.12
C TYR A 58 -10.73 -8.63 19.61
N VAL A 59 -11.91 -8.47 20.23
CA VAL A 59 -12.86 -7.38 19.86
C VAL A 59 -12.48 -6.14 20.68
N VAL A 60 -11.99 -5.10 20.02
CA VAL A 60 -11.53 -3.84 20.66
C VAL A 60 -12.76 -2.98 20.93
N GLU A 61 -13.02 -2.68 22.19
CA GLU A 61 -14.15 -1.82 22.59
C GLU A 61 -13.89 -0.39 22.12
N LYS A 62 -12.69 0.14 22.37
CA LYS A 62 -12.31 1.53 22.07
C LYS A 62 -10.91 1.55 21.44
N VAL A 63 -10.82 1.90 20.16
CA VAL A 63 -9.55 1.93 19.40
C VAL A 63 -8.71 3.12 19.88
N SER A 64 -9.29 4.02 20.68
CA SER A 64 -8.63 5.19 21.29
C SER A 64 -7.90 4.82 22.59
N ALA A 65 -8.08 3.60 23.12
CA ALA A 65 -7.40 3.14 24.36
C ALA A 65 -5.89 3.19 24.14
N PRO A 66 -5.12 3.81 25.07
CA PRO A 66 -3.66 3.86 24.92
C PRO A 66 -2.99 2.52 24.62
N TRP A 67 -3.43 1.40 25.22
CA TRP A 67 -2.78 0.09 24.98
C TRP A 67 -2.91 -0.26 23.49
N PHE A 68 -4.02 0.12 22.87
CA PHE A 68 -4.26 -0.25 21.45
C PHE A 68 -3.36 0.60 20.53
N SER A 69 -3.14 1.89 20.79
CA SER A 69 -2.29 2.74 19.93
C SER A 69 -0.82 2.33 20.05
N GLU A 70 -0.43 1.61 21.11
CA GLU A 70 0.92 0.98 21.22
C GLU A 70 1.01 -0.17 20.23
N ILE A 71 -0.12 -0.76 19.82
CA ILE A 71 -0.12 -1.83 18.78
C ILE A 71 -0.17 -1.15 17.42
N ASN A 72 -1.22 -0.38 17.17
CA ASN A 72 -1.39 0.35 15.89
C ASN A 72 -1.44 1.83 16.18
N PRO A 73 -0.42 2.63 15.81
CA PRO A 73 -0.42 4.07 16.10
C PRO A 73 -1.51 4.82 15.33
N HIS A 74 -2.03 4.22 14.26
CA HIS A 74 -3.14 4.80 13.45
C HIS A 74 -4.49 4.49 14.10
N LYS A 75 -4.54 3.67 15.16
CA LYS A 75 -5.75 3.48 16.00
C LYS A 75 -6.89 2.91 15.16
N MET A 76 -6.60 1.92 14.32
CA MET A 76 -7.66 1.27 13.50
C MET A 76 -7.48 -0.24 13.55
N VAL A 77 -8.54 -0.95 13.22
CA VAL A 77 -8.50 -2.42 12.96
C VAL A 77 -8.56 -2.61 11.44
N PRO A 78 -7.98 -3.69 10.90
CA PRO A 78 -7.33 -4.73 11.69
C PRO A 78 -5.91 -4.43 12.17
N ALA A 79 -5.55 -5.13 13.24
CA ALA A 79 -4.15 -5.24 13.71
C ALA A 79 -3.93 -6.69 14.14
N ILE A 80 -2.65 -7.06 14.29
CA ILE A 80 -2.25 -8.41 14.74
C ILE A 80 -1.12 -8.25 15.76
N LEU A 81 -1.18 -9.05 16.82
CA LEU A 81 0.02 -9.44 17.61
C LEU A 81 0.24 -10.92 17.38
N ASP A 82 1.51 -11.34 17.29
CA ASP A 82 1.84 -12.77 17.16
C ASP A 82 3.18 -13.02 17.84
N ARG A 83 3.44 -14.27 18.16
CA ARG A 83 4.78 -14.73 18.62
C ARG A 83 5.75 -14.64 17.44
N SER A 84 6.99 -14.21 17.68
CA SER A 84 8.08 -14.27 16.68
C SER A 84 8.30 -15.74 16.34
N PRO A 85 8.91 -16.06 15.17
CA PRO A 85 9.15 -17.45 14.77
C PRO A 85 9.86 -18.29 15.86
N ASP A 86 10.81 -17.70 16.59
CA ASP A 86 11.59 -18.43 17.63
C ASP A 86 10.81 -18.46 18.96
N GLY A 87 9.66 -17.78 19.03
CA GLY A 87 8.77 -17.76 20.20
C GLY A 87 9.31 -16.94 21.35
N ARG A 88 10.39 -16.16 21.14
CA ARG A 88 11.07 -15.41 22.23
C ARG A 88 10.62 -13.94 22.29
N ASP A 89 9.85 -13.47 21.31
CA ASP A 89 9.40 -12.05 21.26
C ASP A 89 7.96 -12.03 20.76
N THR A 90 7.33 -10.85 20.82
CA THR A 90 6.03 -10.55 20.16
C THR A 90 6.30 -9.61 18.99
N LEU A 91 5.57 -9.78 17.88
CA LEU A 91 5.62 -8.80 16.76
C LEU A 91 4.20 -8.34 16.46
N ARG A 92 4.12 -7.28 15.67
CA ARG A 92 2.81 -6.68 15.35
C ARG A 92 2.67 -6.46 13.84
N ALA A 93 1.45 -6.42 13.36
CA ALA A 93 1.14 -5.99 11.99
C ALA A 93 -0.13 -5.12 12.03
N TRP A 94 -0.14 -4.08 11.21
CA TRP A 94 -1.30 -3.14 11.14
C TRP A 94 -1.28 -2.43 9.79
N GLU A 95 -2.45 -1.90 9.41
CA GLU A 95 -2.90 -1.67 8.00
C GLU A 95 -3.28 -3.04 7.40
N SER A 96 -4.48 -3.17 6.82
CA SER A 96 -4.97 -4.48 6.32
C SER A 96 -3.96 -5.08 5.32
N THR A 97 -3.39 -4.30 4.42
CA THR A 97 -2.41 -4.83 3.42
C THR A 97 -1.19 -5.41 4.16
N SER A 98 -0.72 -4.74 5.22
CA SER A 98 0.43 -5.24 6.00
C SER A 98 0.04 -6.53 6.74
N THR A 99 -1.19 -6.67 7.24
CA THR A 99 -1.61 -7.92 7.91
C THR A 99 -1.55 -9.07 6.90
N LEU A 100 -1.90 -8.82 5.64
CA LEU A 100 -1.83 -9.87 4.60
C LEU A 100 -0.38 -10.25 4.33
N MET A 101 0.49 -9.25 4.20
N MET A 101 0.48 -9.24 4.16
CA MET A 101 1.94 -9.48 3.96
CA MET A 101 1.95 -9.43 3.99
C MET A 101 2.53 -10.27 5.14
C MET A 101 2.46 -10.31 5.14
N TYR A 102 2.17 -9.93 6.39
CA TYR A 102 2.70 -10.62 7.58
C TYR A 102 2.22 -12.08 7.58
N ILE A 103 0.92 -12.34 7.41
CA ILE A 103 0.38 -13.73 7.47
C ILE A 103 1.06 -14.56 6.36
N ALA A 104 1.20 -14.02 5.15
CA ALA A 104 1.82 -14.75 4.02
C ALA A 104 3.27 -15.07 4.38
N ASP A 105 3.98 -14.13 4.98
CA ASP A 105 5.41 -14.30 5.34
C ASP A 105 5.53 -15.41 6.39
N ALA A 106 4.74 -15.35 7.47
CA ALA A 106 4.87 -16.25 8.62
C ALA A 106 4.24 -17.62 8.36
N TYR A 107 3.20 -17.71 7.54
CA TYR A 107 2.35 -18.94 7.46
C TYR A 107 2.18 -19.47 6.04
N ASP A 108 2.58 -18.74 5.00
CA ASP A 108 2.40 -19.23 3.59
C ASP A 108 3.78 -19.53 3.00
N LYS A 109 4.43 -20.57 3.50
CA LYS A 109 5.85 -20.86 3.19
C LYS A 109 5.97 -21.32 1.73
N ASP A 110 4.91 -21.91 1.16
CA ASP A 110 4.85 -22.41 -0.24
C ASP A 110 4.51 -21.27 -1.22
N GLY A 111 4.12 -20.08 -0.73
CA GLY A 111 3.78 -18.94 -1.60
C GLY A 111 2.51 -19.18 -2.40
N THR A 112 1.59 -19.98 -1.87
CA THR A 112 0.26 -20.27 -2.49
C THR A 112 -0.50 -18.95 -2.70
N PHE A 113 -0.45 -18.04 -1.74
CA PHE A 113 -1.12 -16.71 -1.79
C PHE A 113 -0.10 -15.57 -1.92
N GLY A 114 1.16 -15.77 -1.49
CA GLY A 114 2.16 -14.68 -1.49
C GLY A 114 3.05 -14.68 -2.71
N GLY A 115 3.05 -15.75 -3.50
CA GLY A 115 3.87 -15.86 -4.72
C GLY A 115 5.11 -16.74 -4.54
N ARG A 116 5.38 -17.58 -5.54
N ARG A 116 5.38 -17.56 -5.55
CA ARG A 116 6.39 -18.66 -5.46
CA ARG A 116 6.36 -18.67 -5.48
C ARG A 116 7.76 -18.18 -5.95
C ARG A 116 7.73 -18.22 -6.02
N ASN A 117 7.81 -17.06 -6.69
CA ASN A 117 9.07 -16.58 -7.32
C ASN A 117 8.93 -15.07 -7.61
N VAL A 118 9.99 -14.43 -8.09
CA VAL A 118 10.03 -12.96 -8.37
C VAL A 118 8.96 -12.63 -9.44
N GLN A 119 8.78 -13.52 -10.43
CA GLN A 119 7.84 -13.31 -11.56
C GLN A 119 6.42 -13.15 -10.99
N GLU A 120 5.94 -14.14 -10.25
CA GLU A 120 4.58 -14.11 -9.64
C GLU A 120 4.48 -12.91 -8.70
N ARG A 121 5.50 -12.68 -7.88
CA ARG A 121 5.37 -11.61 -6.86
C ARG A 121 5.34 -10.24 -7.54
N SER A 122 5.95 -10.07 -8.71
CA SER A 122 5.96 -8.75 -9.38
C SER A 122 4.49 -8.32 -9.60
N GLU A 123 3.65 -9.23 -10.10
CA GLU A 123 2.23 -8.93 -10.38
C GLU A 123 1.43 -8.94 -9.08
N ILE A 124 1.70 -9.87 -8.17
CA ILE A 124 0.95 -9.84 -6.88
C ILE A 124 1.14 -8.45 -6.27
N ASN A 125 2.38 -7.96 -6.21
CA ASN A 125 2.68 -6.67 -5.55
C ASN A 125 2.09 -5.49 -6.35
N ASN A 126 2.03 -5.59 -7.68
CA ASN A 126 1.42 -4.51 -8.49
C ASN A 126 -0.07 -4.37 -8.11
N TRP A 127 -0.80 -5.49 -8.11
CA TRP A 127 -2.28 -5.46 -7.96
C TRP A 127 -2.59 -5.24 -6.48
N LEU A 128 -1.78 -5.78 -5.57
CA LEU A 128 -1.99 -5.49 -4.12
C LEU A 128 -1.76 -3.99 -3.86
N THR A 129 -0.68 -3.40 -4.39
CA THR A 129 -0.33 -1.96 -4.17
C THR A 129 -1.37 -1.07 -4.86
N LEU A 130 -1.88 -1.44 -6.03
CA LEU A 130 -2.95 -0.65 -6.69
C LEU A 130 -4.12 -0.52 -5.72
N HIS A 131 -4.49 -1.60 -5.07
CA HIS A 131 -5.60 -1.56 -4.08
C HIS A 131 -5.19 -0.67 -2.91
N THR A 132 -3.97 -0.86 -2.39
CA THR A 132 -3.52 -0.19 -1.16
C THR A 132 -3.44 1.33 -1.36
N ALA A 133 -3.04 1.78 -2.57
CA ALA A 133 -2.72 3.19 -2.88
C ALA A 133 -3.93 3.90 -3.50
N ALA A 134 -4.76 3.19 -4.27
CA ALA A 134 -5.79 3.81 -5.13
C ALA A 134 -7.21 3.47 -4.66
N LEU A 135 -7.74 2.27 -4.97
CA LEU A 135 -9.16 1.97 -4.63
C LEU A 135 -9.34 1.99 -3.10
N GLY A 136 -8.43 1.39 -2.32
CA GLY A 136 -8.65 1.31 -0.85
C GLY A 136 -8.80 2.70 -0.24
N PRO A 137 -7.84 3.63 -0.44
CA PRO A 137 -7.93 4.96 0.15
C PRO A 137 -9.05 5.83 -0.46
N THR A 138 -9.35 5.65 -1.75
CA THR A 138 -10.47 6.35 -2.41
C THR A 138 -11.79 5.88 -1.76
N ALA A 139 -11.99 4.57 -1.58
CA ALA A 139 -13.18 4.00 -0.91
C ALA A 139 -13.22 4.48 0.55
N GLY A 140 -12.06 4.48 1.20
CA GLY A 140 -12.00 4.86 2.63
C GLY A 140 -12.46 6.30 2.82
N TYR A 141 -12.01 7.21 1.94
CA TYR A 141 -12.41 8.64 1.95
C TYR A 141 -13.87 8.76 1.54
N TRP A 142 -14.34 7.90 0.62
CA TRP A 142 -15.81 7.85 0.32
C TRP A 142 -16.61 7.50 1.60
N LEU A 143 -16.25 6.41 2.29
CA LEU A 143 -16.93 5.92 3.53
C LEU A 143 -16.83 7.00 4.61
N TYR A 144 -15.67 7.65 4.73
CA TYR A 144 -15.45 8.72 5.72
C TYR A 144 -16.49 9.84 5.52
N PHE A 145 -16.54 10.40 4.29
CA PHE A 145 -17.38 11.57 3.97
C PHE A 145 -18.87 11.13 3.95
N TYR A 146 -19.16 9.91 3.52
CA TYR A 146 -20.57 9.39 3.42
C TYR A 146 -21.19 9.09 4.80
N LYS A 147 -20.41 8.59 5.77
CA LYS A 147 -20.91 8.03 7.06
C LYS A 147 -20.40 8.81 8.29
N LEU A 148 -19.13 9.23 8.31
CA LEU A 148 -18.45 9.61 9.58
C LEU A 148 -18.26 11.13 9.68
N HIS A 149 -18.09 11.86 8.57
CA HIS A 149 -17.84 13.33 8.61
C HIS A 149 -19.06 14.05 9.16
N PRO A 150 -18.91 14.95 10.16
CA PRO A 150 -20.06 15.59 10.81
C PRO A 150 -21.05 16.31 9.89
N GLU A 151 -20.61 16.68 8.68
CA GLU A 151 -21.49 17.30 7.67
C GLU A 151 -21.29 16.65 6.29
N LYS A 152 -22.36 16.66 5.49
CA LYS A 152 -22.41 15.97 4.18
C LYS A 152 -21.79 16.87 3.11
N LEU A 153 -20.79 16.34 2.40
CA LEU A 153 -20.01 17.02 1.33
C LEU A 153 -20.27 16.31 0.00
N PRO A 154 -21.46 16.49 -0.63
CA PRO A 154 -21.84 15.70 -1.81
C PRO A 154 -20.93 15.85 -3.02
N LYS A 155 -20.32 17.02 -3.23
CA LYS A 155 -19.40 17.24 -4.40
C LYS A 155 -18.15 16.37 -4.25
N THR A 156 -17.65 16.20 -3.03
CA THR A 156 -16.49 15.34 -2.76
C THR A 156 -16.89 13.89 -2.96
N ILE A 157 -18.03 13.50 -2.39
CA ILE A 157 -18.61 12.13 -2.48
C ILE A 157 -18.74 11.79 -3.97
N GLU A 158 -19.22 12.75 -4.80
CA GLU A 158 -19.42 12.57 -6.27
C GLU A 158 -18.06 12.35 -6.96
N LYS A 159 -17.05 13.14 -6.62
CA LYS A 159 -15.72 13.02 -7.25
C LYS A 159 -15.09 11.67 -6.87
N LEU A 160 -15.18 11.29 -5.59
CA LEU A 160 -14.62 10.00 -5.11
C LEU A 160 -15.34 8.83 -5.81
N ARG A 161 -16.66 8.96 -6.03
CA ARG A 161 -17.45 7.89 -6.71
C ARG A 161 -16.92 7.70 -8.13
N SER A 162 -16.68 8.80 -8.84
CA SER A 162 -16.07 8.80 -10.20
CA SER A 162 -16.10 8.74 -10.20
C SER A 162 -14.69 8.13 -10.15
N ASN A 163 -13.89 8.45 -9.16
CA ASN A 163 -12.55 7.83 -9.07
C ASN A 163 -12.70 6.32 -8.82
N ILE A 164 -13.73 5.87 -8.09
CA ILE A 164 -13.97 4.41 -7.88
C ILE A 164 -14.19 3.75 -9.25
N THR A 165 -14.96 4.39 -10.13
CA THR A 165 -15.24 3.82 -11.47
C THR A 165 -13.94 3.67 -12.26
N VAL A 166 -12.99 4.60 -12.10
CA VAL A 166 -11.69 4.53 -12.83
C VAL A 166 -10.97 3.25 -12.36
N GLN A 167 -10.99 2.96 -11.07
CA GLN A 167 -10.34 1.74 -10.52
C GLN A 167 -11.06 0.48 -11.01
N TYR A 168 -12.40 0.47 -11.03
CA TYR A 168 -13.15 -0.68 -11.57
C TYR A 168 -12.76 -0.87 -13.04
N ASP A 169 -12.56 0.22 -13.80
CA ASP A 169 -12.19 0.13 -15.25
C ASP A 169 -10.84 -0.58 -15.38
N ILE A 170 -9.87 -0.28 -14.50
CA ILE A 170 -8.54 -0.96 -14.58
C ILE A 170 -8.73 -2.45 -14.28
N LEU A 171 -9.47 -2.81 -13.22
CA LEU A 171 -9.69 -4.23 -12.84
C LEU A 171 -10.39 -4.96 -14.00
N GLU A 172 -11.40 -4.34 -14.60
CA GLU A 172 -12.18 -4.93 -15.72
C GLU A 172 -11.21 -5.20 -16.87
N ARG A 173 -10.34 -4.22 -17.18
CA ARG A 173 -9.37 -4.38 -18.29
C ARG A 173 -8.52 -5.62 -18.01
N ARG A 174 -7.98 -5.73 -16.81
CA ARG A 174 -7.10 -6.87 -16.46
C ARG A 174 -7.85 -8.20 -16.63
N LEU A 175 -9.10 -8.27 -16.17
CA LEU A 175 -9.87 -9.55 -16.13
C LEU A 175 -10.47 -9.88 -17.51
N ASN A 176 -10.30 -9.00 -18.49
CA ASN A 176 -10.63 -9.26 -19.92
C ASN A 176 -9.43 -9.80 -20.69
N GLU A 177 -8.23 -9.81 -20.10
CA GLU A 177 -7.03 -10.37 -20.75
C GLU A 177 -7.19 -11.89 -20.82
N PRO A 178 -6.75 -12.54 -21.93
CA PRO A 178 -6.95 -13.97 -22.10
C PRO A 178 -6.40 -14.81 -20.93
N GLY A 179 -7.26 -15.66 -20.38
CA GLY A 179 -6.92 -16.64 -19.33
C GLY A 179 -6.75 -16.00 -17.95
N GLN A 180 -6.94 -14.68 -17.82
CA GLN A 180 -6.62 -13.94 -16.56
C GLN A 180 -7.82 -14.07 -15.60
N GLN A 181 -7.93 -15.22 -14.92
CA GLN A 181 -9.07 -15.58 -14.04
C GLN A 181 -9.01 -14.81 -12.72
N TYR A 182 -7.81 -14.45 -12.25
CA TYR A 182 -7.62 -13.64 -11.01
C TYR A 182 -6.81 -12.40 -11.36
N LEU A 183 -6.65 -11.48 -10.41
CA LEU A 183 -6.08 -10.14 -10.71
C LEU A 183 -4.59 -10.26 -11.03
N ALA A 184 -3.85 -10.96 -10.17
CA ALA A 184 -2.37 -11.03 -10.30
C ALA A 184 -1.98 -12.21 -11.18
N LEU A 185 -2.44 -13.41 -10.82
CA LEU A 185 -2.03 -14.68 -11.46
C LEU A 185 -3.21 -15.23 -12.25
N LYS A 186 -2.95 -15.95 -13.34
CA LYS A 186 -4.02 -16.54 -14.18
C LYS A 186 -4.68 -17.72 -13.46
N ASP A 187 -3.94 -18.42 -12.59
CA ASP A 187 -4.25 -19.81 -12.15
C ASP A 187 -4.97 -19.84 -10.81
N ARG A 188 -4.74 -18.85 -9.95
CA ARG A 188 -5.19 -18.96 -8.54
C ARG A 188 -5.25 -17.57 -7.91
N PRO A 189 -6.09 -17.41 -6.89
CA PRO A 189 -6.14 -16.16 -6.15
C PRO A 189 -4.94 -15.98 -5.23
N THR A 190 -4.57 -14.71 -5.05
CA THR A 190 -3.43 -14.34 -4.19
C THR A 190 -3.89 -13.26 -3.20
N ILE A 191 -2.95 -12.75 -2.42
CA ILE A 191 -3.27 -11.66 -1.45
C ILE A 191 -3.73 -10.41 -2.20
N ALA A 192 -3.41 -10.24 -3.47
CA ALA A 192 -3.92 -9.10 -4.27
C ALA A 192 -5.45 -9.24 -4.42
N ASP A 193 -5.94 -10.45 -4.69
CA ASP A 193 -7.40 -10.70 -4.88
C ASP A 193 -8.12 -10.50 -3.55
N ILE A 194 -7.52 -11.00 -2.47
CA ILE A 194 -8.14 -10.93 -1.12
C ILE A 194 -8.27 -9.46 -0.72
N ALA A 195 -7.25 -8.64 -0.94
CA ALA A 195 -7.24 -7.21 -0.58
C ALA A 195 -8.35 -6.48 -1.34
N THR A 196 -8.56 -6.83 -2.61
CA THR A 196 -9.41 -6.04 -3.52
C THR A 196 -10.89 -6.39 -3.29
N LEU A 197 -11.20 -7.65 -2.99
CA LEU A 197 -12.60 -8.19 -3.04
C LEU A 197 -13.56 -7.29 -2.27
N PRO A 198 -13.34 -6.92 -0.97
CA PRO A 198 -14.40 -6.23 -0.24
C PRO A 198 -14.88 -4.92 -0.89
N PHE A 199 -14.02 -4.25 -1.68
CA PHE A 199 -14.34 -2.94 -2.31
C PHE A 199 -14.77 -3.11 -3.78
N ALA A 200 -14.82 -4.36 -4.25
CA ALA A 200 -15.13 -4.69 -5.66
C ALA A 200 -16.06 -5.91 -5.65
N MET A 201 -17.22 -5.76 -5.04
CA MET A 201 -18.28 -6.80 -5.03
C MET A 201 -19.62 -6.05 -5.07
N LYS A 202 -20.70 -6.73 -5.47
CA LYS A 202 -21.96 -6.03 -5.84
C LYS A 202 -22.49 -5.23 -4.65
N SER A 203 -22.47 -5.78 -3.44
CA SER A 203 -23.06 -5.11 -2.26
C SER A 203 -22.34 -3.77 -2.03
N THR A 204 -21.00 -3.74 -2.13
CA THR A 204 -20.21 -2.51 -1.93
C THR A 204 -20.45 -1.52 -3.07
N ALA A 205 -20.42 -1.98 -4.32
CA ALA A 205 -20.72 -1.14 -5.51
C ALA A 205 -22.08 -0.45 -5.33
N GLU A 206 -23.08 -1.18 -4.83
CA GLU A 206 -24.45 -0.64 -4.58
C GLU A 206 -24.39 0.44 -3.50
N LEU A 207 -23.62 0.22 -2.44
CA LEU A 207 -23.40 1.25 -1.38
C LEU A 207 -22.83 2.51 -2.05
N PHE A 208 -21.87 2.36 -2.98
CA PHE A 208 -21.21 3.50 -3.67
C PHE A 208 -22.13 4.17 -4.70
N GLY A 209 -23.31 3.60 -4.97
CA GLY A 209 -24.25 4.15 -5.96
C GLY A 209 -23.85 3.82 -7.38
N LEU A 210 -23.23 2.65 -7.56
CA LEU A 210 -22.76 2.19 -8.88
C LEU A 210 -23.53 0.94 -9.27
N GLU A 211 -23.56 0.69 -10.57
CA GLU A 211 -24.23 -0.46 -11.20
C GLU A 211 -23.16 -1.49 -11.51
N PHE A 212 -22.95 -2.51 -10.66
CA PHE A 212 -21.77 -3.40 -10.77
C PHE A 212 -21.81 -4.20 -12.08
N GLU A 213 -23.00 -4.38 -12.65
CA GLU A 213 -23.17 -5.11 -13.93
C GLU A 213 -22.46 -4.38 -15.08
N LYS A 214 -22.09 -3.11 -14.94
CA LYS A 214 -21.32 -2.37 -15.96
C LYS A 214 -19.90 -2.91 -16.07
N TRP A 215 -19.44 -3.73 -15.12
CA TRP A 215 -18.09 -4.36 -15.15
C TRP A 215 -18.25 -5.88 -15.07
N PRO A 216 -18.63 -6.54 -16.18
CA PRO A 216 -19.04 -7.94 -16.12
C PRO A 216 -17.96 -8.95 -15.68
N LYS A 217 -16.73 -8.81 -16.17
CA LYS A 217 -15.63 -9.74 -15.80
C LYS A 217 -15.25 -9.51 -14.33
N LEU A 218 -15.30 -8.26 -13.87
CA LEU A 218 -15.03 -7.93 -12.45
C LEU A 218 -16.13 -8.56 -11.59
N GLN A 219 -17.40 -8.43 -12.01
CA GLN A 219 -18.51 -9.05 -11.25
C GLN A 219 -18.31 -10.58 -11.23
N GLU A 220 -17.99 -11.21 -12.38
CA GLU A 220 -17.82 -12.71 -12.41
C GLU A 220 -16.68 -13.10 -11.47
N TRP A 221 -15.59 -12.33 -11.47
CA TRP A 221 -14.43 -12.55 -10.55
C TRP A 221 -14.91 -12.44 -9.09
N SER A 222 -15.73 -11.44 -8.76
CA SER A 222 -16.17 -11.23 -7.36
C SER A 222 -17.01 -12.44 -6.92
N VAL A 223 -17.82 -12.99 -7.84
CA VAL A 223 -18.65 -14.18 -7.53
C VAL A 223 -17.75 -15.41 -7.35
N ARG A 224 -16.76 -15.59 -8.24
CA ARG A 224 -15.78 -16.71 -8.14
C ARG A 224 -15.10 -16.64 -6.76
N MET A 225 -14.66 -15.46 -6.36
CA MET A 225 -13.97 -15.26 -5.05
C MET A 225 -14.95 -15.59 -3.91
N GLY A 226 -16.21 -15.15 -4.04
CA GLY A 226 -17.24 -15.34 -3.00
C GLY A 226 -17.65 -16.80 -2.82
N GLU A 227 -17.41 -17.67 -3.81
CA GLU A 227 -17.77 -19.10 -3.75
C GLU A 227 -16.74 -19.88 -2.93
N ARG A 228 -15.56 -19.30 -2.65
CA ARG A 228 -14.49 -19.98 -1.89
C ARG A 228 -14.95 -20.19 -0.45
N GLU A 229 -14.82 -21.41 0.08
CA GLU A 229 -15.30 -21.75 1.45
C GLU A 229 -14.63 -20.82 2.46
N ALA A 230 -13.34 -20.48 2.30
CA ALA A 230 -12.64 -19.60 3.26
C ALA A 230 -13.26 -18.20 3.30
N VAL A 231 -13.71 -17.69 2.15
CA VAL A 231 -14.29 -16.34 2.00
C VAL A 231 -15.68 -16.34 2.66
N LYS A 232 -16.47 -17.40 2.43
CA LYS A 232 -17.80 -17.58 3.05
C LYS A 232 -17.63 -17.62 4.57
N ARG A 233 -16.65 -18.37 5.07
CA ARG A 233 -16.42 -18.53 6.53
C ARG A 233 -16.01 -17.18 7.12
N ALA A 234 -15.12 -16.44 6.45
CA ALA A 234 -14.62 -15.14 6.96
C ALA A 234 -15.77 -14.13 7.04
N TRP A 235 -16.62 -14.04 6.02
CA TRP A 235 -17.76 -13.09 6.07
C TRP A 235 -18.72 -13.48 7.19
N GLN A 236 -19.01 -14.77 7.35
CA GLN A 236 -19.95 -15.26 8.40
C GLN A 236 -19.40 -14.86 9.79
N ARG A 237 -18.12 -15.11 10.00
CA ARG A 237 -17.48 -14.91 11.32
C ARG A 237 -17.37 -13.40 11.63
N VAL A 238 -16.92 -12.59 10.65
CA VAL A 238 -16.59 -11.16 10.92
C VAL A 238 -17.88 -10.40 11.26
N ALA A 239 -19.02 -10.80 10.70
CA ALA A 239 -20.32 -10.15 10.99
C ALA A 239 -20.70 -10.40 12.44
N GLY A 240 -20.33 -11.56 13.00
CA GLY A 240 -20.80 -12.01 14.33
C GLY A 240 -19.88 -11.59 15.48
N PHE A 241 -18.67 -11.10 15.20
CA PHE A 241 -17.74 -10.70 16.29
C PHE A 241 -18.38 -9.58 17.13
N GLY A 242 -18.45 -9.77 18.46
CA GLY A 242 -18.99 -8.79 19.42
C GLY A 242 -20.49 -8.94 19.62
N HIS A 243 -21.15 -9.87 18.93
CA HIS A 243 -22.62 -10.09 19.02
C HIS A 243 -22.93 -11.31 19.90
N GLY A 244 -21.91 -12.00 20.42
CA GLY A 244 -22.07 -13.22 21.25
C GLY A 244 -21.99 -12.93 22.75
N GLU A 245 -21.63 -13.95 23.53
CA GLU A 245 -21.48 -13.88 25.01
C GLU A 245 -20.58 -12.72 25.43
N LYS A 246 -19.48 -12.51 24.70
CA LYS A 246 -18.51 -11.42 24.97
C LYS A 246 -18.68 -10.34 23.90
N GLU A 247 -19.07 -9.13 24.33
CA GLU A 247 -19.26 -7.97 23.43
C GLU A 247 -17.89 -7.39 23.03
N TYR A 248 -16.92 -7.48 23.93
N TYR A 248 -16.92 -7.41 23.94
CA TYR A 248 -15.54 -6.94 23.78
CA TYR A 248 -15.52 -6.99 23.66
C TYR A 248 -14.54 -7.88 24.44
C TYR A 248 -14.55 -7.89 24.42
N GLY A 249 -13.28 -7.83 24.00
CA GLY A 249 -12.18 -8.58 24.60
C GLY A 249 -11.86 -9.83 23.81
N MET A 250 -11.11 -10.74 24.42
CA MET A 250 -10.65 -11.99 23.77
C MET A 250 -11.83 -12.95 23.67
N LEU A 251 -12.21 -13.36 22.46
CA LEU A 251 -13.34 -14.28 22.25
C LEU A 251 -12.92 -15.69 22.64
N GLU A 252 -13.90 -16.52 23.00
CA GLU A 252 -13.71 -17.92 23.48
C GLU A 252 -13.81 -18.89 22.31
N ALA A 253 -13.83 -20.19 22.62
CA ALA A 253 -13.91 -21.33 21.66
C ALA A 253 -12.72 -21.28 20.70
N SER B 15 -0.47 2.97 -30.31
CA SER B 15 -0.73 1.49 -30.11
C SER B 15 0.58 0.73 -29.83
N GLU B 16 1.72 1.14 -30.40
CA GLU B 16 2.93 0.26 -30.50
C GLU B 16 4.13 0.87 -29.74
N ARG B 17 4.88 -0.02 -29.09
CA ARG B 17 6.07 0.32 -28.27
C ARG B 17 7.07 1.12 -29.11
N PRO B 18 7.61 2.25 -28.60
CA PRO B 18 8.66 2.99 -29.30
C PRO B 18 9.88 2.11 -29.61
N SER B 19 10.49 2.33 -30.76
CA SER B 19 11.59 1.47 -31.25
C SER B 19 12.80 1.53 -30.31
N ASP B 20 12.97 2.62 -29.55
CA ASP B 20 14.12 2.78 -28.63
C ASP B 20 13.82 2.08 -27.29
N LEU B 21 12.61 1.54 -27.10
CA LEU B 21 12.32 0.82 -25.82
C LEU B 21 12.74 -0.63 -25.98
N VAL B 22 13.92 -0.96 -25.46
N VAL B 22 13.92 -0.95 -25.47
CA VAL B 22 14.45 -2.35 -25.38
CA VAL B 22 14.45 -2.34 -25.38
C VAL B 22 14.78 -2.65 -23.92
C VAL B 22 14.70 -2.63 -23.90
N VAL B 23 14.51 -3.88 -23.48
CA VAL B 23 14.69 -4.29 -22.06
C VAL B 23 15.81 -5.32 -22.02
N ASN B 24 17.03 -4.84 -21.83
CA ASN B 24 18.26 -5.66 -21.73
C ASN B 24 18.66 -5.79 -20.26
N ARG B 25 17.99 -5.02 -19.39
CA ARG B 25 18.23 -4.95 -17.94
C ARG B 25 17.10 -4.10 -17.37
N LEU B 26 17.18 -3.73 -16.09
CA LEU B 26 16.07 -2.95 -15.48
C LEU B 26 15.93 -1.60 -16.20
N VAL B 27 14.71 -1.25 -16.58
CA VAL B 27 14.38 0.08 -17.18
C VAL B 27 13.41 0.78 -16.23
N LEU B 28 13.79 1.94 -15.72
CA LEU B 28 12.90 2.79 -14.89
C LEU B 28 12.28 3.87 -15.77
N PHE B 29 10.95 3.93 -15.78
CA PHE B 29 10.16 4.94 -16.51
C PHE B 29 9.91 6.14 -15.60
N VAL B 30 10.24 7.31 -16.12
CA VAL B 30 10.09 8.63 -15.43
C VAL B 30 9.45 9.58 -16.43
N VAL B 31 9.17 10.82 -16.01
CA VAL B 31 8.85 11.93 -16.95
C VAL B 31 9.92 13.02 -16.80
N LYS B 32 9.87 14.03 -17.66
CA LYS B 32 10.80 15.18 -17.62
C LYS B 32 10.75 15.78 -16.20
N GLY B 33 11.93 16.01 -15.61
CA GLY B 33 12.04 16.55 -14.25
C GLY B 33 11.45 17.95 -14.18
N THR B 34 10.50 18.15 -13.24
CA THR B 34 9.98 19.48 -12.82
C THR B 34 9.89 19.49 -11.29
N ALA B 35 9.55 20.64 -10.72
CA ALA B 35 9.36 20.83 -9.26
C ALA B 35 8.36 19.81 -8.69
N THR B 36 7.41 19.32 -9.50
CA THR B 36 6.24 18.53 -9.03
C THR B 36 6.20 17.12 -9.65
N SER B 37 7.16 16.72 -10.49
CA SER B 37 7.05 15.45 -11.24
C SER B 37 7.90 14.32 -10.62
N THR B 38 8.60 14.54 -9.49
CA THR B 38 9.69 13.62 -9.07
C THR B 38 9.49 12.97 -7.69
N HIS B 39 8.46 13.30 -6.91
CA HIS B 39 8.33 12.82 -5.50
C HIS B 39 8.05 11.31 -5.45
N ASN B 40 7.50 10.71 -6.50
CA ASN B 40 7.26 9.24 -6.53
C ASN B 40 8.36 8.52 -7.35
N THR B 41 8.77 9.09 -8.48
CA THR B 41 9.83 8.46 -9.32
C THR B 41 11.15 8.39 -8.55
N VAL B 42 11.41 9.33 -7.63
CA VAL B 42 12.70 9.35 -6.89
C VAL B 42 12.80 8.11 -5.99
N LYS B 43 11.66 7.49 -5.61
CA LYS B 43 11.63 6.39 -4.61
C LYS B 43 12.39 5.18 -5.13
N PRO B 44 12.01 4.54 -6.25
CA PRO B 44 12.77 3.41 -6.75
C PRO B 44 14.21 3.81 -7.10
N LEU B 45 14.40 5.05 -7.57
CA LEU B 45 15.74 5.54 -7.99
C LEU B 45 16.66 5.56 -6.75
N ILE B 46 16.17 5.99 -5.59
CA ILE B 46 17.00 5.97 -4.35
C ILE B 46 17.44 4.53 -4.10
N LEU B 47 16.53 3.56 -4.21
CA LEU B 47 16.87 2.15 -3.89
C LEU B 47 17.84 1.61 -4.95
N LEU B 48 17.65 1.94 -6.23
CA LEU B 48 18.63 1.53 -7.28
C LEU B 48 20.02 2.07 -6.92
N GLU B 49 20.09 3.33 -6.46
CA GLU B 49 21.37 4.01 -6.15
C GLU B 49 22.01 3.38 -4.89
N GLU B 50 21.20 3.01 -3.89
CA GLU B 50 21.69 2.36 -2.63
C GLU B 50 22.32 1.00 -2.95
N LEU B 51 21.72 0.24 -3.86
CA LEU B 51 22.12 -1.17 -4.14
C LEU B 51 23.09 -1.23 -5.32
N GLY B 52 23.31 -0.12 -6.03
CA GLY B 52 24.20 -0.10 -7.22
C GLY B 52 23.66 -0.97 -8.35
N VAL B 53 22.33 -1.01 -8.51
CA VAL B 53 21.67 -1.83 -9.54
C VAL B 53 21.94 -1.20 -10.90
N PRO B 54 22.46 -1.94 -11.89
CA PRO B 54 22.58 -1.43 -13.24
C PRO B 54 21.18 -1.20 -13.83
N HIS B 55 20.97 -0.04 -14.43
CA HIS B 55 19.64 0.29 -14.98
C HIS B 55 19.69 1.35 -16.07
N ASP B 56 18.63 1.34 -16.89
CA ASP B 56 18.36 2.40 -17.89
C ASP B 56 17.25 3.31 -17.36
N ILE B 57 17.18 4.51 -17.91
CA ILE B 57 16.11 5.51 -17.64
C ILE B 57 15.38 5.75 -18.95
N TYR B 58 14.05 5.61 -18.95
CA TYR B 58 13.18 5.92 -20.11
C TYR B 58 12.30 7.12 -19.75
N VAL B 59 12.52 8.25 -20.42
CA VAL B 59 11.70 9.48 -20.18
C VAL B 59 10.46 9.39 -21.05
N VAL B 60 9.30 9.18 -20.41
CA VAL B 60 7.97 9.08 -21.06
C VAL B 60 7.48 10.50 -21.37
N GLU B 61 7.25 10.79 -22.65
CA GLU B 61 6.79 12.13 -23.10
C GLU B 61 5.37 12.36 -22.57
N LYS B 62 4.51 11.35 -22.73
CA LYS B 62 3.08 11.40 -22.35
C LYS B 62 2.69 10.09 -21.68
N VAL B 63 2.37 10.10 -20.39
CA VAL B 63 1.91 8.87 -19.67
C VAL B 63 0.54 8.45 -20.21
N SER B 64 -0.14 9.34 -20.95
CA SER B 64 -1.44 9.07 -21.62
C SER B 64 -1.27 8.15 -22.83
N ALA B 65 -0.04 7.95 -23.32
CA ALA B 65 0.22 7.19 -24.57
C ALA B 65 -0.30 5.76 -24.41
N PRO B 66 -1.16 5.26 -25.33
CA PRO B 66 -1.65 3.88 -25.24
C PRO B 66 -0.55 2.84 -24.96
N TRP B 67 0.61 2.95 -25.61
CA TRP B 67 1.68 1.95 -25.44
C TRP B 67 2.09 1.87 -23.96
N PHE B 68 2.05 2.99 -23.25
CA PHE B 68 2.54 3.08 -21.86
C PHE B 68 1.57 2.35 -20.93
N SER B 69 0.27 2.32 -21.26
CA SER B 69 -0.75 1.63 -20.43
C SER B 69 -0.56 0.11 -20.45
N GLU B 70 0.17 -0.44 -21.43
CA GLU B 70 0.56 -1.87 -21.46
C GLU B 70 1.56 -2.16 -20.34
N ILE B 71 2.36 -1.16 -19.97
CA ILE B 71 3.37 -1.24 -18.88
C ILE B 71 2.66 -0.99 -17.54
N ASN B 72 1.98 0.15 -17.44
CA ASN B 72 1.23 0.50 -16.21
C ASN B 72 -0.21 0.85 -16.59
N PRO B 73 -1.21 0.01 -16.27
CA PRO B 73 -2.60 0.34 -16.63
C PRO B 73 -3.17 1.52 -15.83
N HIS B 74 -2.48 1.97 -14.78
CA HIS B 74 -2.83 3.20 -14.04
C HIS B 74 -2.23 4.44 -14.72
N LYS B 75 -1.38 4.28 -15.74
CA LYS B 75 -0.93 5.38 -16.62
C LYS B 75 -0.13 6.41 -15.81
N MET B 76 0.75 5.95 -14.92
CA MET B 76 1.63 6.86 -14.14
C MET B 76 3.06 6.34 -14.10
N VAL B 77 3.99 7.25 -13.80
CA VAL B 77 5.38 6.90 -13.42
C VAL B 77 5.49 7.03 -11.90
N PRO B 78 6.36 6.25 -11.23
CA PRO B 78 7.29 5.31 -11.88
C PRO B 78 6.66 3.98 -12.31
N ALA B 79 7.31 3.34 -13.27
CA ALA B 79 7.09 1.93 -13.63
C ALA B 79 8.46 1.34 -13.98
N ILE B 80 8.52 0.02 -13.97
CA ILE B 80 9.75 -0.74 -14.31
C ILE B 80 9.40 -1.83 -15.30
N LEU B 81 10.26 -2.03 -16.30
CA LEU B 81 10.35 -3.32 -17.04
C LEU B 81 11.70 -3.92 -16.71
N ASP B 82 11.73 -5.23 -16.53
CA ASP B 82 13.00 -5.94 -16.26
C ASP B 82 12.89 -7.36 -16.80
N ARG B 83 14.03 -8.04 -16.94
CA ARG B 83 14.00 -9.48 -17.30
C ARG B 83 13.74 -10.32 -16.05
N SER B 84 13.12 -11.48 -16.26
CA SER B 84 12.94 -12.55 -15.25
C SER B 84 14.30 -13.08 -14.81
N PRO B 85 14.37 -13.81 -13.67
CA PRO B 85 15.64 -14.35 -13.17
C PRO B 85 16.48 -15.09 -14.22
N ASP B 86 15.84 -15.73 -15.21
CA ASP B 86 16.59 -16.51 -16.25
C ASP B 86 16.78 -15.68 -17.52
N GLY B 87 16.37 -14.41 -17.51
CA GLY B 87 16.62 -13.46 -18.61
C GLY B 87 15.65 -13.62 -19.77
N ARG B 88 14.77 -14.64 -19.74
CA ARG B 88 13.96 -15.06 -20.91
C ARG B 88 12.72 -14.17 -21.05
N ASP B 89 12.01 -13.94 -19.94
CA ASP B 89 10.69 -13.23 -19.93
C ASP B 89 10.91 -11.79 -19.48
N THR B 90 9.93 -10.92 -19.73
CA THR B 90 9.89 -9.51 -19.24
C THR B 90 8.82 -9.40 -18.16
N LEU B 91 9.20 -8.83 -17.02
CA LEU B 91 8.33 -8.54 -15.85
C LEU B 91 8.06 -7.04 -15.80
N ARG B 92 7.04 -6.64 -15.06
CA ARG B 92 6.77 -5.20 -14.83
C ARG B 92 6.47 -4.95 -13.36
N ALA B 93 6.77 -3.74 -12.94
CA ALA B 93 6.39 -3.22 -11.62
C ALA B 93 5.85 -1.82 -11.81
N TRP B 94 4.80 -1.48 -11.08
CA TRP B 94 4.20 -0.13 -11.17
C TRP B 94 3.41 0.14 -9.87
N GLU B 95 3.23 1.42 -9.61
CA GLU B 95 3.00 2.02 -8.26
C GLU B 95 4.36 2.09 -7.55
N SER B 96 4.74 3.26 -7.05
CA SER B 96 6.09 3.46 -6.45
C SER B 96 6.35 2.42 -5.35
N THR B 97 5.39 2.12 -4.47
CA THR B 97 5.60 1.10 -3.41
C THR B 97 5.91 -0.27 -4.03
N SER B 98 5.21 -0.64 -5.10
CA SER B 98 5.46 -1.93 -5.78
C SER B 98 6.86 -1.95 -6.43
N THR B 99 7.30 -0.82 -6.98
CA THR B 99 8.65 -0.73 -7.58
C THR B 99 9.69 -0.99 -6.50
N LEU B 100 9.47 -0.49 -5.28
CA LEU B 100 10.43 -0.74 -4.18
C LEU B 100 10.42 -2.24 -3.82
N MET B 101 9.24 -2.85 -3.74
N MET B 101 9.23 -2.84 -3.72
CA MET B 101 9.11 -4.29 -3.38
CA MET B 101 9.05 -4.28 -3.42
C MET B 101 9.80 -5.15 -4.45
C MET B 101 9.81 -5.12 -4.46
N TYR B 102 9.65 -4.78 -5.73
CA TYR B 102 10.26 -5.54 -6.84
C TYR B 102 11.77 -5.43 -6.74
N ILE B 103 12.30 -4.22 -6.62
CA ILE B 103 13.78 -4.03 -6.56
C ILE B 103 14.32 -4.83 -5.36
N ALA B 104 13.66 -4.78 -4.19
CA ALA B 104 14.16 -5.52 -3.02
C ALA B 104 14.12 -7.05 -3.25
N ASP B 105 13.11 -7.54 -3.95
CA ASP B 105 12.93 -8.99 -4.20
C ASP B 105 14.05 -9.48 -5.15
N ALA B 106 14.31 -8.74 -6.22
CA ALA B 106 15.25 -9.18 -7.28
C ALA B 106 16.69 -8.75 -6.99
N TYR B 107 16.92 -7.67 -6.24
CA TYR B 107 18.29 -7.08 -6.09
C TYR B 107 18.71 -6.91 -4.62
N ASP B 108 17.89 -7.32 -3.66
CA ASP B 108 18.28 -7.20 -2.22
C ASP B 108 17.99 -8.54 -1.52
N LYS B 109 18.59 -9.62 -2.00
CA LYS B 109 18.41 -10.98 -1.42
C LYS B 109 18.83 -11.00 0.05
N ASP B 110 19.87 -10.24 0.42
CA ASP B 110 20.34 -10.28 1.83
C ASP B 110 19.50 -9.38 2.72
N GLY B 111 18.52 -8.65 2.20
CA GLY B 111 17.55 -7.96 3.07
C GLY B 111 18.10 -6.72 3.77
N THR B 112 19.11 -6.06 3.22
CA THR B 112 19.65 -4.78 3.78
C THR B 112 18.55 -3.71 3.83
N PHE B 113 17.72 -3.63 2.80
CA PHE B 113 16.60 -2.64 2.70
C PHE B 113 15.26 -3.33 2.82
N GLY B 114 15.13 -4.62 2.52
CA GLY B 114 13.84 -5.31 2.54
C GLY B 114 13.57 -6.11 3.81
N GLY B 115 14.56 -6.28 4.71
CA GLY B 115 14.37 -7.07 5.93
C GLY B 115 15.05 -8.42 5.90
N ARG B 116 15.73 -8.78 7.00
CA ARG B 116 16.58 -10.00 7.06
C ARG B 116 15.77 -11.17 7.64
N ASN B 117 14.56 -10.91 8.16
CA ASN B 117 13.79 -11.96 8.86
C ASN B 117 12.33 -11.51 9.00
N VAL B 118 11.48 -12.42 9.47
CA VAL B 118 10.02 -12.18 9.63
C VAL B 118 9.81 -10.97 10.54
N GLN B 119 10.59 -10.84 11.61
CA GLN B 119 10.37 -9.75 12.60
C GLN B 119 10.68 -8.40 11.93
N GLU B 120 11.81 -8.25 11.26
CA GLU B 120 12.17 -6.97 10.60
C GLU B 120 11.12 -6.65 9.53
N ARG B 121 10.74 -7.64 8.73
CA ARG B 121 9.75 -7.41 7.66
C ARG B 121 8.41 -6.97 8.26
N SER B 122 8.03 -7.49 9.43
CA SER B 122 6.73 -7.09 10.02
C SER B 122 6.68 -5.56 10.15
N GLU B 123 7.72 -4.94 10.68
CA GLU B 123 7.78 -3.47 10.86
C GLU B 123 8.01 -2.76 9.52
N ILE B 124 8.88 -3.27 8.66
CA ILE B 124 9.09 -2.62 7.33
C ILE B 124 7.73 -2.51 6.61
N ASN B 125 6.97 -3.59 6.61
CA ASN B 125 5.66 -3.65 5.91
C ASN B 125 4.64 -2.75 6.61
N ASN B 126 4.69 -2.64 7.93
CA ASN B 126 3.77 -1.72 8.65
C ASN B 126 4.01 -0.28 8.19
N TRP B 127 5.27 0.20 8.26
CA TRP B 127 5.60 1.62 7.98
C TRP B 127 5.50 1.89 6.47
N LEU B 128 5.93 0.95 5.62
CA LEU B 128 5.75 1.11 4.17
C LEU B 128 4.26 1.21 3.81
N THR B 129 3.44 0.33 4.38
CA THR B 129 1.98 0.31 4.08
C THR B 129 1.31 1.57 4.66
N LEU B 130 1.75 2.05 5.82
CA LEU B 130 1.18 3.31 6.36
C LEU B 130 1.42 4.41 5.32
N HIS B 131 2.60 4.47 4.71
CA HIS B 131 2.84 5.51 3.69
C HIS B 131 1.90 5.27 2.48
N THR B 132 1.85 4.02 2.01
CA THR B 132 1.14 3.63 0.77
C THR B 132 -0.36 3.92 0.90
N ALA B 133 -0.94 3.66 2.08
CA ALA B 133 -2.40 3.72 2.32
C ALA B 133 -2.81 5.07 2.90
N ALA B 134 -1.96 5.77 3.66
CA ALA B 134 -2.40 6.95 4.45
C ALA B 134 -1.74 8.22 3.92
N LEU B 135 -0.46 8.49 4.23
CA LEU B 135 0.14 9.81 3.87
C LEU B 135 0.17 9.97 2.35
N GLY B 136 0.64 8.95 1.63
CA GLY B 136 0.75 9.05 0.16
C GLY B 136 -0.58 9.46 -0.48
N PRO B 137 -1.67 8.68 -0.28
CA PRO B 137 -2.94 9.01 -0.92
C PRO B 137 -3.58 10.29 -0.35
N THR B 138 -3.34 10.59 0.92
CA THR B 138 -3.88 11.83 1.53
C THR B 138 -3.20 13.03 0.85
N ALA B 139 -1.88 12.99 0.74
CA ALA B 139 -1.07 14.04 0.07
C ALA B 139 -1.55 14.18 -1.37
N GLY B 140 -1.73 13.06 -2.07
CA GLY B 140 -2.22 13.03 -3.46
C GLY B 140 -3.56 13.74 -3.57
N TYR B 141 -4.50 13.43 -2.67
CA TYR B 141 -5.87 14.02 -2.70
C TYR B 141 -5.80 15.49 -2.28
N TRP B 142 -4.99 15.83 -1.28
CA TRP B 142 -4.81 17.26 -0.90
C TRP B 142 -4.38 18.05 -2.15
N LEU B 143 -3.35 17.57 -2.85
CA LEU B 143 -2.79 18.29 -4.02
C LEU B 143 -3.87 18.38 -5.11
N TYR B 144 -4.58 17.27 -5.31
CA TYR B 144 -5.59 17.19 -6.39
C TYR B 144 -6.63 18.29 -6.14
N PHE B 145 -7.22 18.30 -4.94
CA PHE B 145 -8.32 19.24 -4.60
C PHE B 145 -7.78 20.65 -4.50
N TYR B 146 -6.57 20.84 -3.96
CA TYR B 146 -5.95 22.17 -3.80
C TYR B 146 -5.60 22.77 -5.18
N LYS B 147 -5.04 21.97 -6.08
CA LYS B 147 -4.47 22.48 -7.36
C LYS B 147 -5.37 22.19 -8.57
N LEU B 148 -5.89 20.97 -8.73
CA LEU B 148 -6.41 20.46 -10.04
C LEU B 148 -7.95 20.47 -10.11
N HIS B 149 -8.67 20.10 -9.04
CA HIS B 149 -10.15 19.99 -9.11
C HIS B 149 -10.71 21.33 -9.59
N PRO B 150 -11.61 21.33 -10.60
CA PRO B 150 -12.06 22.57 -11.24
C PRO B 150 -12.63 23.59 -10.24
N GLU B 151 -13.52 23.15 -9.34
CA GLU B 151 -14.07 24.02 -8.27
C GLU B 151 -13.32 23.74 -6.96
N LYS B 152 -13.25 24.74 -6.09
CA LYS B 152 -12.50 24.64 -4.81
C LYS B 152 -13.46 24.12 -3.74
N LEU B 153 -13.06 23.05 -3.07
CA LEU B 153 -13.81 22.43 -1.94
C LEU B 153 -13.01 22.64 -0.66
N PRO B 154 -13.15 23.82 -0.02
CA PRO B 154 -12.30 24.17 1.11
C PRO B 154 -12.48 23.23 2.31
N LYS B 155 -13.71 22.81 2.63
CA LYS B 155 -13.94 21.88 3.78
C LYS B 155 -13.14 20.57 3.55
N THR B 156 -13.15 20.07 2.32
CA THR B 156 -12.46 18.81 1.90
C THR B 156 -10.96 19.01 1.99
N ILE B 157 -10.46 20.09 1.39
CA ILE B 157 -9.01 20.47 1.42
C ILE B 157 -8.54 20.59 2.88
N GLU B 158 -9.29 21.29 3.75
CA GLU B 158 -8.87 21.48 5.17
C GLU B 158 -8.78 20.12 5.88
N LYS B 159 -9.76 19.24 5.67
CA LYS B 159 -9.76 17.87 6.26
C LYS B 159 -8.49 17.12 5.81
N LEU B 160 -8.15 17.21 4.52
CA LEU B 160 -6.96 16.52 3.97
C LEU B 160 -5.67 17.08 4.60
N ARG B 161 -5.55 18.41 4.68
N ARG B 161 -5.55 18.40 4.70
CA ARG B 161 -4.42 19.10 5.34
CA ARG B 161 -4.39 19.08 5.35
C ARG B 161 -4.29 18.59 6.78
C ARG B 161 -4.27 18.59 6.79
N SER B 162 -5.40 18.58 7.51
CA SER B 162 -5.50 18.05 8.91
C SER B 162 -4.97 16.61 8.93
N ASN B 163 -5.40 15.78 7.98
CA ASN B 163 -5.01 14.35 7.94
C ASN B 163 -3.50 14.23 7.72
N ILE B 164 -2.89 15.14 6.93
CA ILE B 164 -1.41 15.15 6.73
C ILE B 164 -0.75 15.37 8.09
N THR B 165 -1.25 16.33 8.88
CA THR B 165 -0.64 16.64 10.21
C THR B 165 -0.78 15.43 11.12
N VAL B 166 -1.88 14.67 11.03
CA VAL B 166 -2.07 13.42 11.84
C VAL B 166 -1.00 12.41 11.45
N GLN B 167 -0.69 12.27 10.16
CA GLN B 167 0.35 11.31 9.72
C GLN B 167 1.73 11.77 10.22
N TYR B 168 2.04 13.07 10.14
CA TYR B 168 3.32 13.60 10.69
C TYR B 168 3.36 13.33 12.21
N ASP B 169 2.23 13.46 12.92
CA ASP B 169 2.18 13.16 14.38
C ASP B 169 2.54 11.68 14.63
N ILE B 170 2.07 10.75 13.78
CA ILE B 170 2.38 9.30 13.96
C ILE B 170 3.89 9.10 13.74
N LEU B 171 4.45 9.69 12.68
CA LEU B 171 5.88 9.50 12.33
C LEU B 171 6.72 10.10 13.47
N GLU B 172 6.32 11.27 13.97
CA GLU B 172 7.02 11.95 15.09
C GLU B 172 7.00 11.05 16.34
N ARG B 173 5.84 10.46 16.66
CA ARG B 173 5.69 9.54 17.82
C ARG B 173 6.71 8.40 17.70
N ARG B 174 6.76 7.75 16.54
CA ARG B 174 7.66 6.59 16.29
C ARG B 174 9.11 7.01 16.51
N LEU B 175 9.50 8.17 15.99
CA LEU B 175 10.92 8.61 15.96
C LEU B 175 11.31 9.19 17.32
N ASN B 176 10.36 9.31 18.25
CA ASN B 176 10.64 9.71 19.65
C ASN B 176 10.84 8.47 20.54
N GLU B 177 10.58 7.26 20.04
CA GLU B 177 10.80 6.00 20.81
C GLU B 177 12.30 5.79 21.01
N PRO B 178 12.73 5.29 22.19
CA PRO B 178 14.16 5.15 22.46
C PRO B 178 14.92 4.34 21.40
N GLY B 179 16.00 4.91 20.86
CA GLY B 179 16.87 4.25 19.88
C GLY B 179 16.27 4.10 18.50
N GLN B 180 15.08 4.64 18.24
CA GLN B 180 14.37 4.47 16.93
C GLN B 180 14.87 5.52 15.93
N GLN B 181 16.02 5.26 15.28
CA GLN B 181 16.70 6.25 14.38
C GLN B 181 15.96 6.31 13.04
N TYR B 182 15.32 5.21 12.65
CA TYR B 182 14.60 5.07 11.36
C TYR B 182 13.18 4.57 11.65
N LEU B 183 12.31 4.60 10.63
CA LEU B 183 10.87 4.36 10.89
C LEU B 183 10.63 2.89 11.25
N ALA B 184 11.16 1.96 10.46
CA ALA B 184 10.87 0.52 10.68
C ALA B 184 11.86 -0.04 11.70
N LEU B 185 13.15 0.11 11.41
CA LEU B 185 14.24 -0.52 12.21
C LEU B 185 15.02 0.56 12.97
N LYS B 186 15.57 0.18 14.12
CA LYS B 186 16.38 1.10 14.96
C LYS B 186 17.71 1.44 14.28
N ASP B 187 18.27 0.50 13.49
CA ASP B 187 19.71 0.46 13.14
C ASP B 187 19.99 1.06 11.75
N ARG B 188 19.02 0.98 10.82
CA ARG B 188 19.32 1.32 9.40
C ARG B 188 18.04 1.67 8.68
N PRO B 189 18.11 2.46 7.59
CA PRO B 189 16.92 2.77 6.78
C PRO B 189 16.52 1.56 5.93
N THR B 190 15.22 1.48 5.63
CA THR B 190 14.64 0.40 4.80
C THR B 190 13.77 1.02 3.70
N ILE B 191 13.14 0.19 2.91
CA ILE B 191 12.20 0.68 1.86
C ILE B 191 11.06 1.48 2.50
N ALA B 192 10.74 1.28 3.78
CA ALA B 192 9.71 2.11 4.46
C ALA B 192 10.19 3.56 4.52
N ASP B 193 11.45 3.78 4.91
CA ASP B 193 12.06 5.14 4.99
C ASP B 193 12.11 5.79 3.62
N ILE B 194 12.52 5.03 2.60
CA ILE B 194 12.66 5.56 1.22
C ILE B 194 11.29 6.02 0.70
N ALA B 195 10.25 5.22 0.94
CA ALA B 195 8.88 5.52 0.46
C ALA B 195 8.37 6.79 1.15
N THR B 196 8.71 6.99 2.42
CA THR B 196 8.12 8.07 3.26
C THR B 196 8.82 9.40 2.95
N LEU B 197 10.14 9.38 2.73
CA LEU B 197 10.96 10.62 2.74
C LEU B 197 10.38 11.73 1.87
N PRO B 198 10.01 11.52 0.57
CA PRO B 198 9.67 12.66 -0.29
C PRO B 198 8.45 13.44 0.23
N PHE B 199 7.62 12.79 1.04
CA PHE B 199 6.37 13.39 1.56
C PHE B 199 6.53 13.87 3.01
N ALA B 200 7.72 13.70 3.57
CA ALA B 200 8.04 14.02 4.98
C ALA B 200 9.43 14.67 5.01
N MET B 201 9.57 15.79 4.30
CA MET B 201 10.80 16.62 4.30
C MET B 201 10.37 18.09 4.24
N LYS B 202 11.24 19.03 4.63
CA LYS B 202 10.86 20.45 4.85
C LYS B 202 10.21 21.01 3.57
N SER B 203 10.81 20.82 2.39
CA SER B 203 10.35 21.45 1.13
C SER B 203 8.91 21.00 0.82
N THR B 204 8.59 19.72 1.04
CA THR B 204 7.23 19.16 0.84
C THR B 204 6.27 19.71 1.90
N ALA B 205 6.67 19.74 3.18
CA ALA B 205 5.84 20.31 4.26
C ALA B 205 5.42 21.74 3.90
N GLU B 206 6.36 22.53 3.33
CA GLU B 206 6.13 23.94 2.93
C GLU B 206 5.12 23.99 1.77
N LEU B 207 5.24 23.09 0.80
CA LEU B 207 4.23 22.95 -0.28
C LEU B 207 2.84 22.77 0.35
N PHE B 208 2.72 22.01 1.44
CA PHE B 208 1.44 21.72 2.14
C PHE B 208 1.01 22.89 3.04
N GLY B 209 1.81 23.95 3.14
CA GLY B 209 1.55 25.10 4.03
C GLY B 209 1.78 24.77 5.49
N LEU B 210 2.67 23.81 5.77
CA LEU B 210 2.96 23.35 7.16
C LEU B 210 4.37 23.78 7.59
N GLU B 211 4.54 23.98 8.90
CA GLU B 211 5.81 24.40 9.55
C GLU B 211 6.50 23.13 10.06
N PHE B 212 7.47 22.62 9.31
CA PHE B 212 8.02 21.25 9.54
C PHE B 212 8.74 21.20 10.90
N GLU B 213 9.15 22.35 11.44
CA GLU B 213 9.82 22.46 12.77
C GLU B 213 8.89 22.03 13.90
N LYS B 214 7.58 21.90 13.64
CA LYS B 214 6.59 21.38 14.63
C LYS B 214 6.82 19.90 14.91
N TRP B 215 7.56 19.19 14.03
CA TRP B 215 7.86 17.74 14.16
C TRP B 215 9.37 17.57 14.18
N PRO B 216 10.04 17.89 15.31
CA PRO B 216 11.50 17.96 15.34
C PRO B 216 12.22 16.62 15.05
N LYS B 217 11.76 15.50 15.61
CA LYS B 217 12.45 14.20 15.40
C LYS B 217 12.24 13.77 13.95
N LEU B 218 11.06 14.05 13.38
CA LEU B 218 10.78 13.75 11.96
C LEU B 218 11.69 14.61 11.07
N GLN B 219 11.82 15.91 11.36
CA GLN B 219 12.70 16.82 10.60
C GLN B 219 14.15 16.32 10.68
N GLU B 220 14.62 15.93 11.86
CA GLU B 220 16.00 15.37 12.09
C GLU B 220 16.17 14.14 11.19
N TRP B 221 15.20 13.23 11.21
CA TRP B 221 15.22 11.99 10.42
C TRP B 221 15.31 12.36 8.94
N SER B 222 14.55 13.35 8.49
CA SER B 222 14.51 13.72 7.05
C SER B 222 15.90 14.24 6.62
N VAL B 223 16.56 15.00 7.49
CA VAL B 223 17.93 15.54 7.22
C VAL B 223 18.92 14.38 7.19
N ARG B 224 18.82 13.42 8.13
CA ARG B 224 19.72 12.22 8.19
C ARG B 224 19.58 11.45 6.86
N MET B 225 18.35 11.20 6.43
CA MET B 225 18.09 10.48 5.15
C MET B 225 18.69 11.27 3.98
N GLY B 226 18.52 12.59 3.97
CA GLY B 226 18.98 13.51 2.90
C GLY B 226 20.50 13.57 2.78
N GLU B 227 21.22 13.18 3.84
CA GLU B 227 22.71 13.19 3.86
C GLU B 227 23.26 11.94 3.16
N ARG B 228 22.43 10.90 2.98
CA ARG B 228 22.88 9.64 2.34
C ARG B 228 23.27 9.94 0.88
N GLU B 229 24.44 9.46 0.46
CA GLU B 229 24.96 9.73 -0.91
C GLU B 229 23.95 9.24 -1.96
N ALA B 230 23.31 8.08 -1.78
CA ALA B 230 22.37 7.52 -2.78
C ALA B 230 21.17 8.46 -2.91
N VAL B 231 20.74 9.08 -1.81
CA VAL B 231 19.55 9.98 -1.81
C VAL B 231 19.94 11.27 -2.54
N LYS B 232 21.13 11.81 -2.26
CA LYS B 232 21.65 13.02 -2.96
C LYS B 232 21.75 12.72 -4.46
N ARG B 233 22.30 11.57 -4.84
CA ARG B 233 22.46 11.19 -6.27
C ARG B 233 21.08 11.10 -6.91
N ALA B 234 20.11 10.48 -6.25
CA ALA B 234 18.75 10.24 -6.81
C ALA B 234 18.08 11.59 -7.06
N TRP B 235 18.14 12.53 -6.12
CA TRP B 235 17.51 13.85 -6.32
C TRP B 235 18.18 14.61 -7.48
N GLN B 236 19.52 14.54 -7.58
CA GLN B 236 20.29 15.24 -8.64
C GLN B 236 19.85 14.69 -10.00
N ARG B 237 19.76 13.37 -10.12
CA ARG B 237 19.46 12.69 -11.43
C ARG B 237 18.01 12.94 -11.82
N VAL B 238 17.07 12.78 -10.88
CA VAL B 238 15.62 12.82 -11.22
C VAL B 238 15.25 14.23 -11.70
N ALA B 239 15.89 15.27 -11.16
CA ALA B 239 15.67 16.69 -11.54
C ALA B 239 16.10 16.92 -12.99
N GLY B 240 17.13 16.21 -13.45
CA GLY B 240 17.79 16.43 -14.74
C GLY B 240 17.21 15.60 -15.88
N PHE B 241 16.44 14.55 -15.60
CA PHE B 241 15.92 13.64 -16.67
C PHE B 241 15.05 14.45 -17.65
N GLY B 242 15.40 14.40 -18.94
CA GLY B 242 14.71 15.10 -20.04
C GLY B 242 15.20 16.52 -20.26
N HIS B 243 16.25 16.95 -19.55
CA HIS B 243 16.88 18.29 -19.69
C HIS B 243 18.21 18.20 -20.44
N GLY B 244 18.68 16.99 -20.75
CA GLY B 244 19.94 16.75 -21.46
C GLY B 244 19.77 16.82 -22.97
N GLU B 245 20.61 16.09 -23.70
CA GLU B 245 20.58 16.06 -25.19
C GLU B 245 19.26 15.45 -25.67
N LYS B 246 18.79 14.37 -25.03
CA LYS B 246 17.54 13.65 -25.38
C LYS B 246 16.42 14.07 -24.42
N GLU B 247 15.36 14.70 -24.95
CA GLU B 247 14.23 15.25 -24.14
C GLU B 247 13.32 14.11 -23.67
N TYR B 248 13.06 13.12 -24.53
CA TYR B 248 12.21 11.94 -24.23
C TYR B 248 12.85 10.69 -24.82
N GLY B 249 12.43 9.53 -24.31
CA GLY B 249 12.89 8.20 -24.77
C GLY B 249 14.00 7.64 -23.91
N MET B 250 14.70 6.64 -24.44
CA MET B 250 15.76 5.92 -23.70
C MET B 250 16.98 6.84 -23.55
N LEU B 251 17.37 7.16 -22.32
CA LEU B 251 18.54 8.05 -22.08
C LEU B 251 19.81 7.26 -22.41
N GLU B 252 20.80 7.95 -22.97
CA GLU B 252 22.10 7.30 -23.28
C GLU B 252 22.73 6.90 -21.94
N ALA B 253 23.16 5.64 -21.84
CA ALA B 253 23.86 5.09 -20.67
C ALA B 253 25.34 5.48 -20.77
#